data_6U6A
#
_entry.id   6U6A
#
_cell.length_a   91.563
_cell.length_b   91.563
_cell.length_c   119.624
_cell.angle_alpha   90.000
_cell.angle_beta   90.000
_cell.angle_gamma   120.000
#
_symmetry.space_group_name_H-M   'H 3'
#
loop_
_entity.id
_entity.type
_entity.pdbx_description
1 polymer 'Serine/threonine protein kinase'
2 non-polymer 'SULFATE ION'
3 non-polymer 2-(4-fluorophenyl)-6-methyl-3-(pyridin-4-yl)pyrazolo[1,5-a]pyridine
4 water water
#
_entity_poly.entity_id   1
_entity_poly.type   'polypeptide(L)'
_entity_poly.pdbx_seq_one_letter_code
;SSVVGLHYKIGKKIGEGSFGVIFEGTNIINGVPVAIKFEPRKTEAPQLRDEYRTYKHLQGCDGIPNAYYFGQEGLHNILV
IDLLGPSLEDLFDWCGRRFSVKTVVQVAIQMLTLVEEVHRHDLIYRDIKPDNFLIGRRGATDENNVHLIDFGMAKQYRDP
RTKQHIPYREKKSLSGTARYMSINTHLGREQSRRDDLEALGHVFFYFLRGQLPWQGLKAPTNKQKYEKIGDKKRTTPAVT
LCDGLPQQFAEYLDSVRSLPFDAEPPYEEYRMLLLSVLDDLGQACDGDMDWMHLNGGRGWDATINKKPN
;
_entity_poly.pdbx_strand_id   A
#
# COMPACT_ATOMS: atom_id res chain seq x y z
N SER A 1 -20.52 24.23 9.15
CA SER A 1 -19.40 24.82 9.86
C SER A 1 -18.09 24.54 9.13
N SER A 2 -17.23 25.56 9.01
CA SER A 2 -15.96 25.39 8.31
C SER A 2 -14.95 24.58 9.10
N VAL A 3 -15.25 24.23 10.36
CA VAL A 3 -14.31 23.57 11.24
C VAL A 3 -14.95 22.32 11.80
N VAL A 4 -14.23 21.19 11.75
CA VAL A 4 -14.65 19.93 12.33
C VAL A 4 -13.66 19.54 13.42
N GLY A 5 -14.09 18.60 14.27
CA GLY A 5 -13.23 18.08 15.32
C GLY A 5 -12.68 19.13 16.27
N LEU A 6 -13.37 20.27 16.40
CA LEU A 6 -12.96 21.43 17.18
C LEU A 6 -11.83 22.22 16.52
N HIS A 7 -10.82 21.53 15.98
CA HIS A 7 -9.56 22.18 15.64
C HIS A 7 -9.16 22.13 14.18
N TYR A 8 -9.97 21.56 13.29
CA TYR A 8 -9.50 21.26 11.93
C TYR A 8 -10.37 22.00 10.91
N LYS A 9 -9.75 22.95 10.21
CA LYS A 9 -10.44 23.70 9.17
C LYS A 9 -10.42 22.91 7.86
N ILE A 10 -11.61 22.70 7.29
CA ILE A 10 -11.71 21.93 6.05
C ILE A 10 -11.20 22.78 4.89
N GLY A 11 -10.46 22.14 3.98
CA GLY A 11 -9.91 22.80 2.82
C GLY A 11 -10.30 22.07 1.55
N LYS A 12 -9.37 22.11 0.59
CA LYS A 12 -9.62 21.50 -0.72
C LYS A 12 -9.98 20.03 -0.59
N LYS A 13 -10.92 19.58 -1.41
CA LYS A 13 -11.26 18.17 -1.49
C LYS A 13 -10.26 17.44 -2.37
N ILE A 14 -9.93 16.21 -1.97
CA ILE A 14 -8.97 15.42 -2.73
C ILE A 14 -9.55 14.04 -3.03
N GLY A 15 -10.73 13.77 -2.48
CA GLY A 15 -11.58 12.65 -2.86
C GLY A 15 -10.92 11.38 -3.37
N GLU A 16 -9.88 10.93 -2.68
CA GLU A 16 -9.29 9.62 -2.95
C GLU A 16 -9.94 8.57 -2.08
N GLY A 17 -9.56 7.32 -2.33
CA GLY A 17 -9.86 6.21 -1.43
C GLY A 17 -11.33 5.83 -1.32
N SER A 18 -11.81 5.24 -2.41
CA SER A 18 -13.18 4.84 -2.59
C SER A 18 -13.93 6.02 -3.15
N PHE A 19 -13.27 6.97 -3.74
CA PHE A 19 -13.98 8.27 -3.89
C PHE A 19 -14.49 8.63 -2.49
N GLY A 20 -13.84 8.04 -1.49
CA GLY A 20 -14.43 7.80 -0.19
C GLY A 20 -14.43 9.07 0.65
N VAL A 21 -14.51 10.22 -0.01
CA VAL A 21 -14.62 11.51 0.64
C VAL A 21 -13.51 12.09 1.53
N ILE A 22 -12.35 12.35 0.94
CA ILE A 22 -11.27 13.02 1.66
C ILE A 22 -10.94 14.46 1.31
N PHE A 23 -10.67 15.26 2.33
CA PHE A 23 -10.30 16.65 2.15
C PHE A 23 -8.93 16.88 2.77
N GLU A 24 -8.25 17.93 2.33
CA GLU A 24 -7.12 18.39 3.10
C GLU A 24 -7.59 19.50 4.04
N GLY A 25 -6.79 19.74 5.07
CA GLY A 25 -7.21 20.71 6.07
C GLY A 25 -6.02 21.15 6.89
N THR A 26 -6.29 22.07 7.81
CA THR A 26 -5.26 22.62 8.67
C THR A 26 -5.75 22.64 10.11
N ASN A 27 -4.86 22.29 11.03
CA ASN A 27 -5.13 22.42 12.45
C ASN A 27 -5.07 23.89 12.83
N ILE A 28 -6.19 24.42 13.32
CA ILE A 28 -6.33 25.87 13.51
C ILE A 28 -5.55 26.33 14.74
N ILE A 29 -5.00 25.39 15.50
CA ILE A 29 -4.19 25.76 16.66
C ILE A 29 -2.72 25.90 16.28
N ASN A 30 -2.20 25.03 15.40
CA ASN A 30 -0.76 24.98 15.15
C ASN A 30 -0.42 24.95 13.67
N GLY A 31 -1.38 25.14 12.77
CA GLY A 31 -1.10 25.17 11.35
C GLY A 31 -0.76 23.85 10.70
N VAL A 32 -0.66 22.76 11.48
CA VAL A 32 -0.31 21.43 10.96
C VAL A 32 -1.33 20.97 9.91
N PRO A 33 -0.91 20.65 8.69
CA PRO A 33 -1.87 20.22 7.68
C PRO A 33 -2.29 18.78 7.90
N VAL A 34 -3.56 18.51 7.59
CA VAL A 34 -4.16 17.21 7.88
C VAL A 34 -4.99 16.74 6.69
N ALA A 35 -5.20 15.43 6.65
CA ALA A 35 -6.19 14.81 5.78
C ALA A 35 -7.41 14.42 6.59
N ILE A 36 -8.59 14.71 6.06
CA ILE A 36 -9.85 14.51 6.76
C ILE A 36 -10.75 13.62 5.91
N LYS A 37 -11.07 12.44 6.43
CA LYS A 37 -11.90 11.46 5.73
C LYS A 37 -13.26 11.40 6.40
N PHE A 38 -14.30 11.69 5.64
CA PHE A 38 -15.66 11.53 6.14
C PHE A 38 -16.19 10.15 5.78
N GLU A 39 -17.25 9.74 6.48
CA GLU A 39 -17.88 8.45 6.22
C GLU A 39 -19.33 8.56 6.69
N PRO A 40 -20.29 8.14 5.86
CA PRO A 40 -21.70 8.23 6.25
C PRO A 40 -21.95 7.59 7.62
N ARG A 41 -22.73 8.29 8.44
CA ARG A 41 -22.73 7.94 9.86
C ARG A 41 -23.44 6.62 10.12
N LYS A 42 -24.45 6.24 9.36
CA LYS A 42 -25.09 4.94 9.54
C LYS A 42 -24.70 4.02 8.38
N THR A 43 -24.09 2.91 8.73
CA THR A 43 -23.77 1.95 7.70
C THR A 43 -23.70 0.58 8.35
N GLU A 44 -23.98 -0.39 7.47
CA GLU A 44 -23.96 -1.83 7.68
C GLU A 44 -22.58 -2.27 8.16
N ALA A 45 -21.62 -1.79 7.38
CA ALA A 45 -20.21 -2.19 7.50
C ALA A 45 -19.35 -0.93 7.62
N PRO A 46 -19.40 -0.25 8.77
CA PRO A 46 -18.62 0.99 8.92
C PRO A 46 -17.18 0.69 9.30
N GLN A 47 -16.25 1.24 8.51
CA GLN A 47 -14.84 0.94 8.68
C GLN A 47 -14.05 2.07 9.34
N LEU A 48 -14.66 3.25 9.50
CA LEU A 48 -13.88 4.43 9.88
C LEU A 48 -13.39 4.33 11.32
N ARG A 49 -14.22 3.79 12.22
CA ARG A 49 -13.82 3.80 13.62
C ARG A 49 -12.76 2.76 13.90
N ASP A 50 -12.86 1.58 13.33
CA ASP A 50 -11.80 0.60 13.48
C ASP A 50 -10.55 0.98 12.69
N GLU A 51 -10.70 1.81 11.65
CA GLU A 51 -9.53 2.36 10.99
C GLU A 51 -8.82 3.35 11.91
N TYR A 52 -9.59 4.16 12.63
CA TYR A 52 -8.99 5.07 13.62
C TYR A 52 -8.19 4.29 14.66
N ARG A 53 -8.79 3.23 15.22
CA ARG A 53 -8.06 2.45 16.20
C ARG A 53 -6.84 1.78 15.56
N THR A 54 -6.91 1.42 14.28
CA THR A 54 -5.75 0.84 13.63
C THR A 54 -4.58 1.81 13.58
N TYR A 55 -4.86 3.08 13.23
CA TYR A 55 -3.79 4.09 13.24
C TYR A 55 -3.22 4.27 14.65
N LYS A 56 -4.10 4.26 15.66
CA LYS A 56 -3.61 4.37 17.04
C LYS A 56 -2.79 3.14 17.42
N HIS A 57 -3.25 1.95 17.01
CA HIS A 57 -2.51 0.73 17.30
C HIS A 57 -1.11 0.79 16.70
N LEU A 58 -0.98 1.39 15.52
CA LEU A 58 0.30 1.52 14.83
C LEU A 58 0.95 2.87 15.09
N GLN A 59 0.54 3.57 16.15
CA GLN A 59 1.09 4.89 16.41
C GLN A 59 2.56 4.81 16.77
N GLY A 60 3.35 5.72 16.20
CA GLY A 60 4.77 5.77 16.42
C GLY A 60 5.58 5.05 15.36
N CYS A 61 4.99 4.05 14.73
CA CYS A 61 5.66 3.36 13.63
C CYS A 61 5.96 4.34 12.52
N ASP A 62 7.16 4.23 11.95
CA ASP A 62 7.55 5.13 10.88
C ASP A 62 6.81 4.78 9.60
N GLY A 63 6.43 5.82 8.86
CA GLY A 63 5.66 5.64 7.65
C GLY A 63 4.19 5.44 7.85
N ILE A 64 3.71 5.46 9.08
CA ILE A 64 2.27 5.39 9.37
C ILE A 64 1.84 6.72 9.97
N PRO A 65 0.96 7.47 9.32
CA PRO A 65 0.61 8.80 9.84
C PRO A 65 -0.11 8.71 11.17
N ASN A 66 0.02 9.78 11.95
CA ASN A 66 -0.76 9.90 13.18
C ASN A 66 -2.23 10.11 12.87
N ALA A 67 -3.07 9.59 13.74
CA ALA A 67 -4.49 9.95 13.76
C ALA A 67 -4.72 10.91 14.93
N TYR A 68 -5.31 12.07 14.63
CA TYR A 68 -5.51 13.08 15.65
C TYR A 68 -6.92 13.16 16.19
N TYR A 69 -7.91 12.68 15.44
CA TYR A 69 -9.29 12.84 15.86
C TYR A 69 -10.18 11.87 15.11
N PHE A 70 -11.12 11.27 15.85
CA PHE A 70 -12.27 10.58 15.26
C PHE A 70 -13.50 11.02 16.01
N GLY A 71 -14.56 11.38 15.30
CA GLY A 71 -15.71 11.97 15.94
C GLY A 71 -17.04 11.91 15.22
N GLN A 72 -17.84 12.95 15.44
CA GLN A 72 -19.27 13.00 15.20
C GLN A 72 -19.69 13.81 13.98
N GLU A 73 -19.80 15.12 14.28
CA GLU A 73 -20.25 16.15 13.35
C GLU A 73 -21.40 15.71 12.47
N GLY A 74 -22.55 15.43 13.08
CA GLY A 74 -23.82 15.28 12.41
C GLY A 74 -23.95 14.17 11.39
N LEU A 75 -23.80 14.54 10.11
CA LEU A 75 -24.20 13.66 9.01
C LEU A 75 -23.17 12.55 8.76
N HIS A 76 -21.90 12.80 8.98
CA HIS A 76 -20.86 11.84 8.63
C HIS A 76 -20.12 11.38 9.89
N ASN A 77 -19.08 10.58 9.68
CA ASN A 77 -18.07 10.27 10.68
C ASN A 77 -16.74 10.78 10.16
N ILE A 78 -15.92 11.35 11.05
CA ILE A 78 -14.70 12.03 10.63
C ILE A 78 -13.48 11.35 11.22
N LEU A 79 -12.44 11.23 10.40
CA LEU A 79 -11.12 10.77 10.82
C LEU A 79 -10.08 11.74 10.29
N VAL A 80 -9.24 12.26 11.18
CA VAL A 80 -8.23 13.26 10.84
C VAL A 80 -6.86 12.63 11.06
N ILE A 81 -6.04 12.64 10.02
CA ILE A 81 -4.68 12.11 10.09
C ILE A 81 -3.72 13.10 9.45
N ASP A 82 -2.43 12.81 9.57
CA ASP A 82 -1.42 13.61 8.90
C ASP A 82 -1.71 13.68 7.40
N LEU A 83 -1.37 14.81 6.79
CA LEU A 83 -1.48 14.97 5.35
C LEU A 83 -0.17 14.55 4.69
N LEU A 84 -0.26 13.70 3.68
CA LEU A 84 0.89 13.19 2.96
C LEU A 84 0.84 13.62 1.49
N GLY A 85 1.80 13.13 0.72
CA GLY A 85 1.93 13.51 -0.67
C GLY A 85 1.33 12.50 -1.62
N PRO A 86 1.75 12.52 -2.88
CA PRO A 86 1.14 11.64 -3.88
C PRO A 86 1.45 10.18 -3.62
N SER A 87 0.67 9.31 -4.26
CA SER A 87 0.89 7.88 -4.13
C SER A 87 1.96 7.40 -5.09
N LEU A 88 2.46 6.19 -4.84
CA LEU A 88 3.40 5.58 -5.78
C LEU A 88 2.75 5.35 -7.15
N GLU A 89 1.43 5.08 -7.17
CA GLU A 89 0.73 5.03 -8.45
C GLU A 89 0.77 6.38 -9.15
N ASP A 90 0.61 7.47 -8.39
CA ASP A 90 0.66 8.80 -8.99
C ASP A 90 2.03 9.09 -9.59
N LEU A 91 3.08 8.87 -8.80
CA LEU A 91 4.45 9.12 -9.27
C LEU A 91 4.80 8.20 -10.42
N PHE A 92 4.35 6.94 -10.36
CA PHE A 92 4.54 6.00 -11.45
C PHE A 92 3.99 6.55 -12.76
N ASP A 93 2.81 7.06 -12.75
CA ASP A 93 2.28 7.70 -13.87
C ASP A 93 3.11 8.86 -14.38
N TRP A 94 3.51 9.76 -13.52
CA TRP A 94 4.27 10.94 -13.94
C TRP A 94 5.66 10.57 -14.44
N CYS A 95 6.20 9.44 -14.01
CA CYS A 95 7.50 8.99 -14.49
C CYS A 95 7.40 8.14 -15.75
N GLY A 96 6.24 8.13 -16.40
CA GLY A 96 6.07 7.36 -17.62
C GLY A 96 5.65 5.91 -17.42
N ARG A 97 5.11 5.57 -16.25
CA ARG A 97 4.64 4.21 -15.95
C ARG A 97 5.78 3.21 -16.08
N ARG A 98 6.89 3.55 -15.43
CA ARG A 98 8.08 2.72 -15.36
C ARG A 98 8.98 3.29 -14.28
N PHE A 99 9.43 2.45 -13.35
CA PHE A 99 10.41 2.84 -12.36
C PHE A 99 11.73 2.15 -12.69
N SER A 100 12.83 2.88 -12.49
CA SER A 100 14.16 2.30 -12.62
C SER A 100 14.34 1.17 -11.61
N VAL A 101 15.28 0.27 -11.92
CA VAL A 101 15.59 -0.81 -11.00
C VAL A 101 15.98 -0.25 -9.64
N LYS A 102 16.81 0.81 -9.63
CA LYS A 102 17.24 1.42 -8.39
C LYS A 102 16.04 1.91 -7.58
N THR A 103 15.14 2.65 -8.22
CA THR A 103 13.98 3.16 -7.51
C THR A 103 13.11 2.02 -6.97
N VAL A 104 13.00 0.92 -7.72
CA VAL A 104 12.14 -0.16 -7.28
C VAL A 104 12.74 -0.84 -6.05
N VAL A 105 14.06 -1.07 -6.04
CA VAL A 105 14.69 -1.69 -4.88
C VAL A 105 14.47 -0.84 -3.64
N GLN A 106 14.76 0.46 -3.75
CA GLN A 106 14.66 1.35 -2.58
C GLN A 106 13.23 1.41 -2.06
N VAL A 107 12.26 1.56 -2.96
CA VAL A 107 10.87 1.59 -2.54
C VAL A 107 10.44 0.22 -2.01
N ALA A 108 11.00 -0.86 -2.58
CA ALA A 108 10.63 -2.20 -2.14
C ALA A 108 11.02 -2.45 -0.70
N ILE A 109 12.25 -2.06 -0.31
CA ILE A 109 12.67 -2.38 1.06
C ILE A 109 11.89 -1.55 2.06
N GLN A 110 11.49 -0.32 1.69
CA GLN A 110 10.65 0.49 2.58
C GLN A 110 9.25 -0.11 2.68
N MET A 111 8.72 -0.61 1.56
CA MET A 111 7.41 -1.25 1.62
C MET A 111 7.46 -2.53 2.43
N LEU A 112 8.54 -3.31 2.30
CA LEU A 112 8.69 -4.51 3.13
C LEU A 112 8.75 -4.14 4.61
N THR A 113 9.46 -3.05 4.93
CA THR A 113 9.53 -2.61 6.32
C THR A 113 8.17 -2.15 6.81
N LEU A 114 7.44 -1.40 5.98
CA LEU A 114 6.10 -0.96 6.34
C LEU A 114 5.19 -2.14 6.66
N VAL A 115 5.12 -3.11 5.74
CA VAL A 115 4.25 -4.26 5.94
C VAL A 115 4.69 -5.06 7.15
N GLU A 116 6.00 -5.26 7.31
CA GLU A 116 6.52 -5.97 8.49
C GLU A 116 6.00 -5.36 9.78
N GLU A 117 6.10 -4.03 9.90
CA GLU A 117 5.67 -3.51 11.19
C GLU A 117 4.15 -3.51 11.31
N VAL A 118 3.39 -3.56 10.22
CA VAL A 118 1.97 -3.89 10.32
C VAL A 118 1.80 -5.29 10.88
N HIS A 119 2.54 -6.25 10.32
CA HIS A 119 2.47 -7.63 10.80
C HIS A 119 2.90 -7.74 12.25
N ARG A 120 3.92 -6.97 12.65
CA ARG A 120 4.40 -7.02 14.03
C ARG A 120 3.35 -6.53 15.02
N HIS A 121 2.35 -5.80 14.55
CA HIS A 121 1.23 -5.38 15.39
C HIS A 121 -0.01 -6.24 15.14
N ASP A 122 0.19 -7.50 14.76
CA ASP A 122 -0.84 -8.53 14.73
C ASP A 122 -1.90 -8.29 13.66
N LEU A 123 -1.59 -7.51 12.63
CA LEU A 123 -2.54 -7.21 11.57
C LEU A 123 -1.97 -7.65 10.23
N ILE A 124 -2.85 -8.13 9.35
CA ILE A 124 -2.53 -8.23 7.93
C ILE A 124 -3.25 -7.08 7.23
N TYR A 125 -2.65 -6.62 6.13
CA TYR A 125 -3.12 -5.43 5.46
C TYR A 125 -4.21 -5.73 4.43
N ARG A 126 -3.96 -6.71 3.56
CA ARG A 126 -4.94 -7.32 2.65
C ARG A 126 -5.44 -6.41 1.54
N ASP A 127 -4.85 -5.23 1.35
CA ASP A 127 -5.24 -4.36 0.25
C ASP A 127 -4.01 -3.73 -0.39
N ILE A 128 -2.95 -4.52 -0.58
CA ILE A 128 -1.71 -3.99 -1.11
C ILE A 128 -1.93 -3.51 -2.53
N LYS A 129 -1.55 -2.26 -2.80
CA LYS A 129 -1.56 -1.67 -4.11
C LYS A 129 -0.75 -0.39 -4.07
N PRO A 130 -0.20 0.07 -5.19
CA PRO A 130 0.59 1.31 -5.17
C PRO A 130 -0.21 2.55 -4.82
N ASP A 131 -1.54 2.51 -4.91
CA ASP A 131 -2.34 3.70 -4.65
C ASP A 131 -2.39 4.07 -3.16
N ASN A 132 -2.05 3.13 -2.27
CA ASN A 132 -2.12 3.36 -0.84
C ASN A 132 -0.76 3.61 -0.20
N PHE A 133 0.31 3.61 -0.99
CA PHE A 133 1.64 3.96 -0.50
C PHE A 133 1.94 5.38 -0.96
N LEU A 134 2.12 6.29 0.00
CA LEU A 134 2.24 7.71 -0.29
C LEU A 134 3.61 8.20 0.15
N ILE A 135 4.14 9.17 -0.58
CA ILE A 135 5.35 9.84 -0.15
C ILE A 135 4.95 11.01 0.74
N GLY A 136 5.93 11.71 1.28
CA GLY A 136 5.66 12.80 2.19
C GLY A 136 5.37 14.10 1.46
N ARG A 137 5.38 15.15 2.20
CA ARG A 137 5.17 16.45 1.64
C ARG A 137 6.45 17.14 1.34
N ARG A 138 6.40 18.05 0.41
CA ARG A 138 7.61 18.76 -0.01
C ARG A 138 8.27 19.64 1.04
N GLY A 139 9.57 19.53 1.12
CA GLY A 139 10.42 20.15 2.11
C GLY A 139 10.31 19.57 3.49
N ALA A 140 9.73 18.39 3.63
CA ALA A 140 9.59 17.73 4.91
C ALA A 140 10.73 16.73 5.09
N THR A 141 10.93 16.34 6.35
CA THR A 141 11.90 15.30 6.70
C THR A 141 11.68 14.04 5.87
N ASP A 142 10.41 13.64 5.74
CA ASP A 142 10.04 12.38 5.12
C ASP A 142 9.46 12.56 3.73
N GLU A 143 9.86 13.63 3.02
CA GLU A 143 9.25 13.99 1.75
C GLU A 143 9.20 12.82 0.78
N ASN A 144 10.30 12.09 0.65
CA ASN A 144 10.39 11.03 -0.34
C ASN A 144 10.44 9.63 0.28
N ASN A 145 10.10 9.50 1.55
CA ASN A 145 9.93 8.17 2.13
C ASN A 145 8.53 7.65 1.83
N VAL A 146 8.40 6.33 1.82
CA VAL A 146 7.12 5.69 1.56
C VAL A 146 6.32 5.65 2.86
N HIS A 147 5.03 5.90 2.76
CA HIS A 147 4.09 5.78 3.86
C HIS A 147 2.96 4.85 3.47
N LEU A 148 2.21 4.39 4.46
CA LEU A 148 1.09 3.48 4.23
C LEU A 148 -0.17 4.03 4.89
N ILE A 149 -1.25 4.11 4.13
CA ILE A 149 -2.52 4.59 4.62
C ILE A 149 -3.63 3.61 4.20
N ASP A 150 -4.83 3.88 4.68
CA ASP A 150 -6.03 3.09 4.40
C ASP A 150 -5.95 1.68 4.95
N PHE A 151 -6.43 1.48 6.16
CA PHE A 151 -6.46 0.16 6.78
C PHE A 151 -7.88 -0.37 6.95
N GLY A 152 -8.76 -0.05 5.99
CA GLY A 152 -10.13 -0.54 6.03
C GLY A 152 -10.26 -2.03 5.73
N MET A 153 -9.28 -2.60 5.04
CA MET A 153 -9.27 -4.03 4.75
C MET A 153 -8.44 -4.83 5.75
N ALA A 154 -7.86 -4.18 6.75
CA ALA A 154 -6.98 -4.86 7.69
C ALA A 154 -7.77 -5.78 8.61
N LYS A 155 -7.11 -6.85 9.03
CA LYS A 155 -7.70 -7.85 9.91
C LYS A 155 -6.64 -8.36 10.86
N GLN A 156 -7.05 -8.66 12.09
CA GLN A 156 -6.17 -9.35 13.02
C GLN A 156 -5.94 -10.78 12.52
N TYR A 157 -4.68 -11.19 12.46
CA TYR A 157 -4.34 -12.54 12.01
C TYR A 157 -3.82 -13.43 13.13
N ARG A 158 -3.45 -12.87 14.26
CA ARG A 158 -3.05 -13.66 15.43
C ARG A 158 -3.52 -12.93 16.68
N ASP A 159 -3.84 -13.70 17.70
CA ASP A 159 -4.26 -13.09 18.97
C ASP A 159 -3.07 -12.32 19.55
N PRO A 160 -3.27 -11.06 19.96
CA PRO A 160 -2.11 -10.24 20.37
C PRO A 160 -1.39 -10.77 21.59
N ARG A 161 -2.10 -11.37 22.54
CA ARG A 161 -1.44 -11.84 23.76
C ARG A 161 -0.80 -13.21 23.56
N THR A 162 -1.58 -14.19 23.08
CA THR A 162 -1.05 -15.54 22.89
C THR A 162 -0.18 -15.67 21.65
N LYS A 163 -0.33 -14.77 20.69
CA LYS A 163 0.38 -14.81 19.41
C LYS A 163 -0.01 -16.02 18.56
N GLN A 164 -1.19 -16.60 18.78
CA GLN A 164 -1.54 -17.77 17.98
C GLN A 164 -2.35 -17.36 16.76
N HIS A 165 -1.99 -18.01 15.65
CA HIS A 165 -2.45 -17.66 14.32
C HIS A 165 -3.92 -18.03 14.12
N ILE A 166 -4.57 -17.33 13.20
CA ILE A 166 -5.96 -17.63 12.86
C ILE A 166 -6.02 -18.98 12.13
N PRO A 167 -7.11 -19.72 12.23
CA PRO A 167 -7.22 -20.98 11.49
C PRO A 167 -7.22 -20.75 9.99
N TYR A 168 -6.57 -21.67 9.27
CA TYR A 168 -6.70 -21.68 7.82
C TYR A 168 -8.13 -22.00 7.43
N ARG A 169 -8.52 -21.51 6.26
CA ARG A 169 -9.93 -21.47 5.92
C ARG A 169 -10.06 -21.14 4.44
N GLU A 170 -11.21 -21.47 3.85
CA GLU A 170 -11.39 -21.33 2.41
C GLU A 170 -12.76 -20.75 2.13
N LYS A 171 -13.09 -20.67 0.83
CA LYS A 171 -14.38 -20.18 0.36
C LYS A 171 -14.70 -18.79 0.90
N LYS A 172 -13.70 -17.91 0.91
CA LYS A 172 -13.89 -16.51 1.24
C LYS A 172 -14.21 -15.72 -0.02
N SER A 173 -14.94 -14.62 0.16
CA SER A 173 -15.30 -13.80 -0.99
C SER A 173 -14.09 -13.03 -1.50
N LEU A 174 -13.87 -13.09 -2.80
CA LEU A 174 -12.72 -12.48 -3.46
C LEU A 174 -12.94 -10.97 -3.52
N SER A 175 -12.32 -10.22 -2.63
CA SER A 175 -12.31 -8.78 -2.85
C SER A 175 -10.98 -8.21 -2.38
N GLY A 176 -10.70 -7.04 -2.93
CA GLY A 176 -9.37 -6.48 -3.05
C GLY A 176 -9.15 -6.07 -4.48
N THR A 177 -7.91 -5.79 -4.83
CA THR A 177 -7.57 -5.39 -6.19
C THR A 177 -6.98 -6.60 -6.92
N ALA A 178 -7.65 -7.03 -7.98
CA ALA A 178 -7.28 -8.26 -8.66
C ALA A 178 -5.91 -8.19 -9.32
N ARG A 179 -5.44 -6.99 -9.67
CA ARG A 179 -4.17 -6.89 -10.36
C ARG A 179 -3.00 -7.37 -9.49
N TYR A 180 -3.08 -7.14 -8.17
CA TYR A 180 -1.96 -7.41 -7.28
C TYR A 180 -2.20 -8.55 -6.30
N MET A 181 -3.45 -8.97 -6.09
CA MET A 181 -3.74 -9.90 -5.01
C MET A 181 -3.04 -11.24 -5.21
N SER A 182 -2.71 -11.89 -4.09
CA SER A 182 -2.03 -13.17 -4.12
C SER A 182 -2.88 -14.22 -4.85
N ILE A 183 -2.20 -15.28 -5.29
CA ILE A 183 -2.90 -16.40 -5.91
C ILE A 183 -3.86 -17.03 -4.90
N ASN A 184 -3.43 -17.15 -3.64
CA ASN A 184 -4.30 -17.73 -2.61
C ASN A 184 -5.59 -16.95 -2.47
N THR A 185 -5.53 -15.63 -2.62
CA THR A 185 -6.73 -14.81 -2.55
C THR A 185 -7.70 -15.18 -3.68
N HIS A 186 -7.18 -15.37 -4.89
CA HIS A 186 -8.02 -15.77 -6.02
C HIS A 186 -8.78 -17.04 -5.73
N LEU A 187 -8.16 -17.97 -5.00
CA LEU A 187 -8.77 -19.27 -4.70
C LEU A 187 -9.66 -19.22 -3.46
N GLY A 188 -9.89 -18.04 -2.89
CA GLY A 188 -10.78 -17.92 -1.75
C GLY A 188 -10.20 -18.44 -0.45
N ARG A 189 -8.88 -18.45 -0.32
CA ARG A 189 -8.24 -18.92 0.90
C ARG A 189 -8.03 -17.77 1.86
N GLU A 190 -8.11 -18.10 3.16
CA GLU A 190 -7.86 -17.08 4.18
C GLU A 190 -6.47 -16.47 3.99
N GLN A 191 -6.40 -15.15 4.07
CA GLN A 191 -5.14 -14.48 3.85
C GLN A 191 -4.30 -14.48 5.12
N SER A 192 -3.00 -14.32 4.94
CA SER A 192 -2.07 -14.23 6.06
C SER A 192 -0.88 -13.39 5.62
N ARG A 193 0.18 -13.42 6.42
CA ARG A 193 1.32 -12.53 6.18
C ARG A 193 1.89 -12.73 4.79
N ARG A 194 2.03 -13.99 4.35
CA ARG A 194 2.62 -14.27 3.04
C ARG A 194 1.86 -13.57 1.92
N ASP A 195 0.54 -13.41 2.08
CA ASP A 195 -0.26 -12.84 0.99
C ASP A 195 -0.02 -11.34 0.81
N ASP A 196 0.27 -10.62 1.90
CA ASP A 196 0.69 -9.24 1.75
C ASP A 196 2.01 -9.15 0.98
N LEU A 197 2.90 -10.13 1.20
CA LEU A 197 4.21 -10.08 0.57
C LEU A 197 4.16 -10.49 -0.90
N GLU A 198 3.35 -11.51 -1.23
CA GLU A 198 3.16 -11.86 -2.63
C GLU A 198 2.58 -10.69 -3.41
N ALA A 199 1.59 -10.01 -2.82
CA ALA A 199 1.04 -8.81 -3.46
C ALA A 199 2.13 -7.78 -3.71
N LEU A 200 3.05 -7.61 -2.76
CA LEU A 200 4.16 -6.67 -2.95
C LEU A 200 5.03 -7.09 -4.12
N GLY A 201 5.31 -8.39 -4.25
CA GLY A 201 6.09 -8.86 -5.39
C GLY A 201 5.42 -8.56 -6.71
N HIS A 202 4.09 -8.60 -6.74
CA HIS A 202 3.37 -8.23 -7.95
C HIS A 202 3.55 -6.76 -8.26
N VAL A 203 3.49 -5.90 -7.24
CA VAL A 203 3.71 -4.47 -7.44
C VAL A 203 5.12 -4.22 -7.95
N PHE A 204 6.11 -4.94 -7.41
CA PHE A 204 7.49 -4.74 -7.84
C PHE A 204 7.64 -4.99 -9.33
N PHE A 205 7.09 -6.09 -9.83
CA PHE A 205 7.15 -6.36 -11.26
C PHE A 205 6.32 -5.34 -12.04
N TYR A 206 5.18 -4.94 -11.49
CA TYR A 206 4.39 -3.86 -12.08
C TYR A 206 5.24 -2.60 -12.28
N PHE A 207 5.96 -2.19 -11.23
CA PHE A 207 6.85 -1.04 -11.35
C PHE A 207 7.94 -1.29 -12.38
N LEU A 208 8.52 -2.49 -12.38
CA LEU A 208 9.70 -2.76 -13.18
C LEU A 208 9.36 -2.85 -14.66
N ARG A 209 8.23 -3.47 -15.00
CA ARG A 209 7.87 -3.71 -16.39
C ARG A 209 6.98 -2.63 -16.97
N GLY A 210 6.20 -1.95 -16.13
CA GLY A 210 5.16 -1.05 -16.59
C GLY A 210 3.80 -1.68 -16.72
N GLN A 211 3.72 -3.01 -16.70
CA GLN A 211 2.46 -3.71 -16.89
C GLN A 211 2.62 -5.13 -16.38
N LEU A 212 1.54 -5.69 -15.90
CA LEU A 212 1.55 -7.10 -15.60
C LEU A 212 0.79 -7.89 -16.66
N PRO A 213 1.22 -9.11 -16.98
CA PRO A 213 0.62 -9.83 -18.12
C PRO A 213 -0.83 -10.24 -17.92
N TRP A 214 -1.37 -10.15 -16.70
CA TRP A 214 -2.79 -10.38 -16.46
C TRP A 214 -3.59 -9.08 -16.44
N GLN A 215 -3.03 -8.01 -17.01
CA GLN A 215 -3.80 -6.80 -17.23
C GLN A 215 -4.49 -6.87 -18.59
N GLY A 216 -5.58 -6.13 -18.71
CA GLY A 216 -6.30 -6.08 -19.97
C GLY A 216 -6.98 -7.38 -20.37
N LEU A 217 -7.18 -8.31 -19.44
CA LEU A 217 -8.01 -9.47 -19.71
C LEU A 217 -9.48 -9.08 -19.59
N LYS A 218 -10.33 -9.81 -20.32
CA LYS A 218 -11.75 -9.52 -20.33
C LYS A 218 -12.55 -10.79 -20.11
N ALA A 219 -13.76 -10.61 -19.57
CA ALA A 219 -14.68 -11.72 -19.32
C ALA A 219 -16.09 -11.15 -19.27
N PRO A 220 -17.11 -11.98 -19.45
CA PRO A 220 -18.49 -11.48 -19.34
C PRO A 220 -18.78 -10.84 -17.99
N THR A 221 -18.29 -11.43 -16.89
CA THR A 221 -18.57 -10.94 -15.55
C THR A 221 -17.27 -10.67 -14.80
N ASN A 222 -17.41 -10.04 -13.65
CA ASN A 222 -16.26 -9.75 -12.79
C ASN A 222 -15.68 -11.03 -12.21
N LYS A 223 -16.54 -11.90 -11.68
CA LYS A 223 -16.09 -13.16 -11.12
C LYS A 223 -15.24 -13.94 -12.12
N GLN A 224 -15.71 -14.04 -13.37
CA GLN A 224 -14.94 -14.71 -14.41
C GLN A 224 -13.68 -13.94 -14.75
N LYS A 225 -13.72 -12.62 -14.70
CA LYS A 225 -12.51 -11.84 -14.92
C LYS A 225 -11.47 -12.12 -13.84
N TYR A 226 -11.90 -12.17 -12.57
CA TYR A 226 -10.99 -12.50 -11.49
C TYR A 226 -10.37 -13.88 -11.70
N GLU A 227 -11.17 -14.84 -12.19
CA GLU A 227 -10.66 -16.20 -12.37
C GLU A 227 -9.60 -16.26 -13.46
N LYS A 228 -9.79 -15.49 -14.54
CA LYS A 228 -8.80 -15.48 -15.62
C LYS A 228 -7.50 -14.83 -15.16
N ILE A 229 -7.58 -13.76 -14.39
CA ILE A 229 -6.37 -13.16 -13.83
C ILE A 229 -5.66 -14.14 -12.93
N GLY A 230 -6.42 -14.84 -12.08
CA GLY A 230 -5.81 -15.85 -11.22
C GLY A 230 -5.16 -16.97 -12.01
N ASP A 231 -5.83 -17.42 -13.08
CA ASP A 231 -5.25 -18.45 -13.93
C ASP A 231 -3.93 -17.98 -14.54
N LYS A 232 -3.89 -16.73 -15.00
CA LYS A 232 -2.67 -16.20 -15.60
C LYS A 232 -1.54 -16.13 -14.58
N LYS A 233 -1.86 -15.78 -13.33
CA LYS A 233 -0.84 -15.68 -12.30
C LYS A 233 -0.17 -17.02 -12.04
N ARG A 234 -0.89 -18.13 -12.25
CA ARG A 234 -0.37 -19.44 -11.93
C ARG A 234 0.33 -20.11 -13.10
N THR A 235 0.02 -19.72 -14.33
CA THR A 235 0.70 -20.25 -15.51
C THR A 235 1.83 -19.35 -15.98
N THR A 236 2.09 -18.23 -15.30
CA THR A 236 3.22 -17.38 -15.64
C THR A 236 4.32 -17.58 -14.62
N PRO A 237 5.40 -18.30 -14.94
CA PRO A 237 6.47 -18.50 -13.97
C PRO A 237 7.11 -17.17 -13.58
N ALA A 238 7.58 -17.10 -12.33
CA ALA A 238 8.24 -15.90 -11.85
C ALA A 238 9.45 -15.54 -12.72
N VAL A 239 10.08 -16.54 -13.34
CA VAL A 239 11.21 -16.27 -14.20
C VAL A 239 10.78 -15.59 -15.50
N THR A 240 9.53 -15.77 -15.93
CA THR A 240 9.11 -15.09 -17.15
C THR A 240 8.64 -13.67 -16.87
N LEU A 241 8.00 -13.43 -15.73
CA LEU A 241 7.76 -12.06 -15.29
C LEU A 241 9.06 -11.28 -15.27
N CYS A 242 10.16 -11.93 -14.88
CA CYS A 242 11.37 -11.15 -14.69
C CYS A 242 12.37 -11.33 -15.83
N ASP A 243 11.84 -11.57 -17.03
CA ASP A 243 12.69 -11.60 -18.21
C ASP A 243 13.32 -10.23 -18.44
N GLY A 244 14.65 -10.19 -18.48
CA GLY A 244 15.37 -8.95 -18.65
C GLY A 244 15.58 -8.13 -17.39
N LEU A 245 15.04 -8.59 -16.26
CA LEU A 245 15.14 -7.90 -14.98
C LEU A 245 16.00 -8.69 -14.00
N PRO A 246 16.49 -8.05 -12.93
CA PRO A 246 17.33 -8.78 -11.96
C PRO A 246 16.56 -9.93 -11.32
N GLN A 247 17.15 -11.12 -11.39
CA GLN A 247 16.48 -12.36 -10.98
C GLN A 247 16.10 -12.38 -9.51
N GLN A 248 16.63 -11.47 -8.69
CA GLN A 248 16.26 -11.46 -7.27
C GLN A 248 14.77 -11.19 -7.07
N PHE A 249 14.15 -10.50 -8.03
CA PHE A 249 12.71 -10.26 -7.94
C PHE A 249 11.91 -11.52 -8.23
N ALA A 250 12.41 -12.38 -9.13
CA ALA A 250 11.76 -13.66 -9.36
C ALA A 250 11.94 -14.59 -8.17
N GLU A 251 13.13 -14.59 -7.57
CA GLU A 251 13.35 -15.39 -6.37
C GLU A 251 12.50 -14.89 -5.22
N TYR A 252 12.30 -13.57 -5.13
CA TYR A 252 11.44 -13.03 -4.09
C TYR A 252 10.01 -13.55 -4.25
N LEU A 253 9.42 -13.37 -5.43
CA LEU A 253 8.04 -13.77 -5.63
C LEU A 253 7.87 -15.27 -5.43
N ASP A 254 8.81 -16.07 -5.92
CA ASP A 254 8.76 -17.52 -5.74
C ASP A 254 8.82 -17.89 -4.26
N SER A 255 9.67 -17.21 -3.49
CA SER A 255 9.82 -17.64 -2.11
C SER A 255 8.60 -17.26 -1.28
N VAL A 256 8.05 -16.05 -1.43
CA VAL A 256 6.89 -15.69 -0.63
C VAL A 256 5.66 -16.49 -1.05
N ARG A 257 5.63 -16.96 -2.30
CA ARG A 257 4.50 -17.78 -2.73
C ARG A 257 4.51 -19.15 -2.07
N SER A 258 5.69 -19.63 -1.66
CA SER A 258 5.83 -20.95 -1.05
C SER A 258 5.89 -20.89 0.47
N LEU A 259 5.58 -19.74 1.06
CA LEU A 259 5.58 -19.64 2.51
C LEU A 259 4.39 -20.41 3.08
N PRO A 260 4.58 -21.16 4.16
CA PRO A 260 3.45 -21.80 4.84
C PRO A 260 2.44 -20.77 5.33
N PHE A 261 1.21 -21.24 5.55
CA PHE A 261 0.10 -20.32 5.81
C PHE A 261 0.33 -19.48 7.06
N ASP A 262 0.90 -20.08 8.11
CA ASP A 262 1.09 -19.37 9.37
C ASP A 262 2.54 -18.93 9.59
N ALA A 263 3.41 -19.13 8.60
CA ALA A 263 4.84 -18.89 8.79
C ALA A 263 5.15 -17.40 8.87
N GLU A 264 6.13 -17.06 9.71
CA GLU A 264 6.61 -15.69 9.83
C GLU A 264 7.69 -15.43 8.79
N PRO A 265 7.38 -14.59 7.80
CA PRO A 265 8.30 -14.45 6.67
C PRO A 265 9.63 -13.85 7.12
N PRO A 266 10.71 -14.19 6.42
CA PRO A 266 12.03 -13.58 6.73
C PRO A 266 12.21 -12.22 6.07
N TYR A 267 11.57 -11.20 6.66
CA TYR A 267 11.55 -9.87 6.07
C TYR A 267 12.95 -9.35 5.79
N GLU A 268 13.85 -9.51 6.75
CA GLU A 268 15.20 -8.98 6.59
C GLU A 268 15.95 -9.74 5.50
N GLU A 269 15.72 -11.04 5.38
CA GLU A 269 16.32 -11.80 4.29
C GLU A 269 15.79 -11.33 2.95
N TYR A 270 14.49 -11.04 2.86
CA TYR A 270 13.93 -10.49 1.62
C TYR A 270 14.53 -9.13 1.31
N ARG A 271 14.74 -8.30 2.33
CA ARG A 271 15.33 -6.98 2.10
C ARG A 271 16.77 -7.10 1.62
N MET A 272 17.54 -8.02 2.20
CA MET A 272 18.91 -8.24 1.74
C MET A 272 18.92 -8.78 0.32
N LEU A 273 17.95 -9.62 -0.03
CA LEU A 273 17.88 -10.15 -1.39
C LEU A 273 17.72 -9.02 -2.40
N LEU A 274 16.79 -8.11 -2.16
CA LEU A 274 16.58 -7.00 -3.08
C LEU A 274 17.76 -6.02 -3.04
N LEU A 275 18.36 -5.82 -1.86
CA LEU A 275 19.52 -4.94 -1.77
C LEU A 275 20.67 -5.46 -2.62
N SER A 276 20.81 -6.79 -2.73
CA SER A 276 21.89 -7.34 -3.53
C SER A 276 21.77 -6.99 -5.00
N VAL A 277 20.56 -6.65 -5.46
CA VAL A 277 20.39 -6.19 -6.84
C VAL A 277 21.25 -4.96 -7.11
N LEU A 278 21.25 -4.02 -6.17
CA LEU A 278 22.05 -2.81 -6.35
C LEU A 278 23.54 -3.12 -6.39
N ASP A 279 23.98 -4.13 -5.63
CA ASP A 279 25.39 -4.50 -5.66
C ASP A 279 25.77 -5.12 -7.00
N ASP A 280 24.92 -6.01 -7.53
CA ASP A 280 25.18 -6.59 -8.84
C ASP A 280 25.22 -5.54 -9.94
N LEU A 281 24.56 -4.39 -9.74
CA LEU A 281 24.49 -3.35 -10.75
C LEU A 281 25.39 -2.16 -10.42
N GLY A 282 26.17 -2.24 -9.34
CA GLY A 282 27.08 -1.16 -9.00
C GLY A 282 26.40 0.13 -8.59
N GLN A 283 25.23 0.05 -7.97
CA GLN A 283 24.49 1.22 -7.52
C GLN A 283 24.51 1.30 -6.00
N ALA A 284 24.25 2.51 -5.49
CA ALA A 284 24.17 2.76 -4.06
C ALA A 284 22.73 2.97 -3.65
N CYS A 285 22.43 2.63 -2.39
CA CYS A 285 21.11 2.83 -1.82
C CYS A 285 21.09 4.19 -1.11
N ASP A 286 21.10 5.26 -1.90
CA ASP A 286 21.28 6.62 -1.39
C ASP A 286 19.98 7.41 -1.31
N GLY A 287 18.85 6.80 -1.63
CA GLY A 287 17.58 7.50 -1.51
C GLY A 287 17.18 8.33 -2.71
N ASP A 288 17.96 8.30 -3.79
CA ASP A 288 17.61 9.01 -5.00
C ASP A 288 16.52 8.24 -5.75
N MET A 289 15.41 8.92 -6.04
CA MET A 289 14.24 8.28 -6.63
C MET A 289 13.92 8.94 -7.97
N ASP A 290 13.30 8.16 -8.86
CA ASP A 290 13.00 8.64 -10.20
C ASP A 290 12.19 9.92 -10.17
N TRP A 291 11.19 10.00 -9.30
CA TRP A 291 10.29 11.14 -9.30
C TRP A 291 10.96 12.42 -8.80
N MET A 292 12.14 12.33 -8.19
CA MET A 292 12.86 13.51 -7.76
C MET A 292 13.54 14.24 -8.92
N HIS A 293 13.49 13.69 -10.12
CA HIS A 293 14.04 14.34 -11.30
C HIS A 293 12.96 14.93 -12.20
N LEU A 294 11.69 14.80 -11.81
CA LEU A 294 10.57 15.26 -12.63
C LEU A 294 10.65 16.77 -12.84
N ASN A 295 10.17 17.30 -13.91
CA ASN A 295 10.19 18.75 -14.09
C ASN A 295 11.46 19.52 -13.85
N GLY A 296 12.53 19.13 -14.51
CA GLY A 296 13.79 19.78 -14.34
C GLY A 296 14.56 19.56 -13.07
N GLY A 297 14.09 18.71 -12.19
CA GLY A 297 14.71 18.46 -10.93
C GLY A 297 13.90 19.03 -9.80
N ARG A 298 12.71 19.46 -10.08
CA ARG A 298 11.90 19.98 -9.04
C ARG A 298 11.02 18.91 -8.49
N GLY A 299 10.76 17.82 -9.19
CA GLY A 299 9.81 16.84 -8.70
C GLY A 299 8.42 17.10 -9.25
N TRP A 300 7.48 16.29 -8.76
CA TRP A 300 6.08 16.42 -9.15
C TRP A 300 5.54 17.81 -8.80
N ASP A 301 4.73 18.38 -9.69
CA ASP A 301 4.01 19.61 -9.40
C ASP A 301 2.59 19.51 -9.92
N ALA A 302 1.66 20.20 -9.24
CA ALA A 302 0.24 19.96 -9.46
C ALA A 302 -0.22 20.42 -10.84
N THR A 303 0.31 21.56 -11.31
CA THR A 303 -0.10 22.16 -12.57
C THR A 303 0.25 21.26 -13.76
N ILE A 304 1.46 20.70 -13.72
CA ILE A 304 2.01 19.99 -14.87
C ILE A 304 1.61 18.52 -14.89
N ASN A 305 1.56 17.88 -13.71
CA ASN A 305 1.52 16.42 -13.65
C ASN A 305 0.10 15.87 -13.58
N LYS A 306 -0.56 16.03 -12.43
CA LYS A 306 -1.89 15.44 -12.24
C LYS A 306 -2.93 16.07 -13.18
#